data_1QYE
#
_entry.id   1QYE
#
_cell.length_a   87.008
_cell.length_b   98.974
_cell.length_c   63.254
_cell.angle_alpha   90.00
_cell.angle_beta   90.00
_cell.angle_gamma   90.00
#
_symmetry.space_group_name_H-M   'C 2 2 21'
#
loop_
_entity.id
_entity.type
_entity.pdbx_description
1 polymer Endoplasmin
2 non-polymer 2-CHLORODIDEOXYADENOSINE
3 non-polymer 1-METHOXY-2-(2-METHOXYETHOXY)ETHANE
4 water water
#
_entity_poly.entity_id   1
_entity_poly.type   'polypeptide(L)'
_entity_poly.pdbx_seq_one_letter_code
;LREKSEKFAFQAEVNRMMKLIINSLYKNKEIFLRELISNASDALDKIRLISLTDENALAGNEELTVKIKCDKEKNLLHVT
DTGVGMTREELVKNLGTIAKSGTSEFLNKMTEAQEDGQSTSELIGQFGVGFYSAFLVADKVIVTSKHNNDTQHIWESDSN
EFSVIADPRGNTLGRGTTITLVLKEEASDYLELDTIKNLVKKYSQFINFPIYVWSSKTETVEEPMEEEEAAKEEKEDSDD
EAAVEEEEEEKKPKTKKVEKTVWDWELMN
;
_entity_poly.pdbx_strand_id   A
#
# COMPACT_ATOMS: atom_id res chain seq x y z
N LYS A 4 6.50 -11.83 21.47
CA LYS A 4 7.13 -11.61 20.12
C LYS A 4 6.97 -10.19 19.57
N SER A 5 5.75 -9.66 19.66
CA SER A 5 5.44 -8.31 19.15
C SER A 5 6.38 -7.20 19.60
N GLU A 6 7.24 -6.77 18.69
CA GLU A 6 8.17 -5.69 19.03
C GLU A 6 7.61 -4.34 18.58
N LYS A 7 7.72 -3.35 19.46
CA LYS A 7 7.23 -2.01 19.19
C LYS A 7 8.31 -1.07 18.68
N PHE A 8 7.91 -0.11 17.86
CA PHE A 8 8.83 0.89 17.33
C PHE A 8 8.18 2.28 17.25
N ALA A 9 9.01 3.30 17.33
CA ALA A 9 8.55 4.69 17.21
C ALA A 9 9.01 5.05 15.81
N PHE A 10 8.23 5.89 15.12
CA PHE A 10 8.64 6.28 13.79
C PHE A 10 9.84 7.22 13.99
N GLN A 11 10.64 7.35 12.95
CA GLN A 11 11.78 8.25 12.94
C GLN A 11 11.15 9.65 12.84
N ALA A 12 11.80 10.65 13.42
CA ALA A 12 11.27 12.01 13.40
C ALA A 12 10.88 12.44 11.99
N GLU A 13 11.79 12.27 11.05
CA GLU A 13 11.55 12.64 9.66
C GLU A 13 10.30 12.02 9.07
N VAL A 14 10.00 10.78 9.43
CA VAL A 14 8.82 10.12 8.89
C VAL A 14 7.58 10.73 9.51
N ASN A 15 7.66 11.13 10.78
CA ASN A 15 6.50 11.76 11.41
C ASN A 15 6.23 13.06 10.67
N ARG A 16 7.27 13.83 10.41
CA ARG A 16 7.12 15.10 9.70
C ARG A 16 6.65 14.85 8.27
N MET A 17 7.22 13.84 7.62
CA MET A 17 6.82 13.51 6.25
C MET A 17 5.33 13.11 6.23
N MET A 18 4.89 12.32 7.21
CA MET A 18 3.49 11.93 7.24
C MET A 18 2.59 13.16 7.25
N LYS A 19 2.91 14.12 8.11
CA LYS A 19 2.11 15.33 8.21
C LYS A 19 2.10 16.15 6.92
N LEU A 20 3.26 16.30 6.27
CA LEU A 20 3.36 17.02 5.02
C LEU A 20 2.46 16.37 3.99
N ILE A 21 2.59 15.05 3.88
CA ILE A 21 1.82 14.28 2.92
C ILE A 21 0.33 14.44 3.18
N ILE A 22 -0.07 14.27 4.45
CA ILE A 22 -1.47 14.38 4.81
C ILE A 22 -2.07 15.74 4.51
N ASN A 23 -1.41 16.82 4.92
CA ASN A 23 -1.95 18.14 4.66
C ASN A 23 -1.92 18.50 3.16
N SER A 24 -1.11 17.77 2.39
CA SER A 24 -1.01 18.01 0.96
C SER A 24 -2.18 17.45 0.17
N LEU A 25 -2.70 16.31 0.61
CA LEU A 25 -3.80 15.65 -0.08
C LEU A 25 -5.07 15.70 0.77
N TYR A 26 -5.07 16.56 1.79
CA TYR A 26 -6.22 16.66 2.68
C TYR A 26 -7.55 16.93 1.99
N LYS A 27 -7.53 17.64 0.87
CA LYS A 27 -8.76 17.94 0.13
C LYS A 27 -8.93 16.97 -1.05
N ASN A 28 -8.10 15.93 -1.09
CA ASN A 28 -8.16 14.95 -2.18
C ASN A 28 -7.93 13.54 -1.66
N LYS A 29 -8.51 13.27 -0.50
CA LYS A 29 -8.38 11.97 0.16
C LYS A 29 -8.40 10.77 -0.78
N GLU A 30 -9.20 10.85 -1.84
CA GLU A 30 -9.32 9.74 -2.79
C GLU A 30 -7.99 9.31 -3.40
N ILE A 31 -7.03 10.21 -3.44
CA ILE A 31 -5.74 9.91 -4.00
C ILE A 31 -4.96 8.80 -3.26
N PHE A 32 -5.40 8.43 -2.07
CA PHE A 32 -4.69 7.38 -1.33
C PHE A 32 -4.70 6.07 -2.12
N LEU A 33 -5.82 5.79 -2.76
CA LEU A 33 -5.92 4.55 -3.52
C LEU A 33 -4.92 4.51 -4.67
N ARG A 34 -4.79 5.62 -5.37
CA ARG A 34 -3.85 5.70 -6.48
C ARG A 34 -2.42 5.38 -6.04
N GLU A 35 -2.05 5.88 -4.87
CA GLU A 35 -0.71 5.65 -4.34
C GLU A 35 -0.50 4.20 -3.91
N LEU A 36 -1.52 3.58 -3.31
CA LEU A 36 -1.37 2.19 -2.90
C LEU A 36 -1.24 1.31 -4.14
N ILE A 37 -1.99 1.63 -5.19
CA ILE A 37 -1.93 0.86 -6.43
C ILE A 37 -0.57 1.06 -7.11
N SER A 38 -0.09 2.30 -7.08
CA SER A 38 1.19 2.67 -7.65
C SER A 38 2.29 1.89 -6.92
N ASN A 39 2.16 1.79 -5.60
CA ASN A 39 3.12 1.06 -4.79
C ASN A 39 3.14 -0.41 -5.18
N ALA A 40 1.94 -0.97 -5.34
CA ALA A 40 1.79 -2.37 -5.72
C ALA A 40 2.46 -2.57 -7.09
N SER A 41 2.25 -1.62 -7.98
CA SER A 41 2.82 -1.64 -9.33
C SER A 41 4.34 -1.71 -9.22
N ASP A 42 4.92 -0.88 -8.35
CA ASP A 42 6.37 -0.85 -8.15
C ASP A 42 6.88 -2.22 -7.69
N ALA A 43 6.17 -2.78 -6.71
CA ALA A 43 6.54 -4.08 -6.16
C ALA A 43 6.45 -5.16 -7.23
N LEU A 44 5.48 -5.01 -8.13
CA LEU A 44 5.30 -5.97 -9.22
C LEU A 44 6.44 -5.84 -10.23
N ASP A 45 6.87 -4.61 -10.50
CA ASP A 45 7.98 -4.40 -11.45
C ASP A 45 9.26 -5.01 -10.86
N LYS A 46 9.48 -4.85 -9.56
CA LYS A 46 10.68 -5.39 -8.93
C LYS A 46 10.75 -6.90 -9.05
N ILE A 47 9.67 -7.59 -8.68
CA ILE A 47 9.71 -9.03 -8.76
C ILE A 47 9.88 -9.46 -10.21
N ARG A 48 9.25 -8.73 -11.12
CA ARG A 48 9.35 -9.06 -12.53
C ARG A 48 10.80 -8.94 -13.03
N LEU A 49 11.50 -7.89 -12.60
CA LEU A 49 12.90 -7.72 -13.01
C LEU A 49 13.76 -8.81 -12.36
N ILE A 50 13.46 -9.14 -11.11
CA ILE A 50 14.21 -10.18 -10.42
C ILE A 50 13.99 -11.51 -11.14
N SER A 51 12.80 -11.70 -11.71
CA SER A 51 12.53 -12.96 -12.39
C SER A 51 13.39 -13.12 -13.62
N LEU A 52 13.90 -12.01 -14.15
CA LEU A 52 14.76 -12.06 -15.33
C LEU A 52 16.09 -12.71 -14.97
N THR A 53 16.48 -12.59 -13.70
CA THR A 53 17.72 -13.21 -13.26
C THR A 53 17.42 -14.52 -12.54
N ASP A 54 16.73 -14.43 -11.40
CA ASP A 54 16.37 -15.61 -10.61
C ASP A 54 15.31 -16.45 -11.34
N GLU A 55 15.64 -17.71 -11.57
CA GLU A 55 14.75 -18.63 -12.28
C GLU A 55 13.57 -19.10 -11.41
N ASN A 56 13.79 -19.17 -10.11
CA ASN A 56 12.76 -19.62 -9.20
C ASN A 56 12.03 -18.45 -8.55
N ALA A 57 12.27 -17.25 -9.08
CA ALA A 57 11.68 -16.02 -8.55
C ALA A 57 10.17 -16.05 -8.27
N LEU A 58 9.37 -16.56 -9.20
CA LEU A 58 7.92 -16.57 -9.00
C LEU A 58 7.33 -17.82 -8.35
N ALA A 59 8.19 -18.78 -7.97
CA ALA A 59 7.76 -20.04 -7.36
C ALA A 59 6.68 -19.88 -6.29
N GLY A 60 6.84 -18.91 -5.40
CA GLY A 60 5.85 -18.73 -4.35
C GLY A 60 4.49 -18.27 -4.83
N ASN A 61 4.42 -17.74 -6.04
CA ASN A 61 3.14 -17.24 -6.53
C ASN A 61 3.29 -16.78 -7.98
N GLU A 62 3.13 -17.72 -8.91
CA GLU A 62 3.29 -17.47 -10.34
C GLU A 62 2.45 -16.36 -10.98
N GLU A 63 1.56 -15.73 -10.21
CA GLU A 63 0.76 -14.65 -10.76
C GLU A 63 1.37 -13.29 -10.41
N LEU A 64 1.09 -12.30 -11.24
CA LEU A 64 1.56 -10.94 -11.05
C LEU A 64 0.33 -10.05 -11.14
N THR A 65 -0.36 -9.86 -10.01
CA THR A 65 -1.57 -9.05 -10.00
C THR A 65 -1.74 -8.15 -8.79
N VAL A 66 -2.75 -7.29 -8.88
CA VAL A 66 -3.15 -6.40 -7.80
C VAL A 66 -4.63 -6.76 -7.60
N LYS A 67 -4.96 -7.25 -6.39
CA LYS A 67 -6.33 -7.63 -6.07
C LYS A 67 -6.84 -6.81 -4.89
N ILE A 68 -8.00 -6.16 -5.11
CA ILE A 68 -8.63 -5.29 -4.13
C ILE A 68 -9.98 -5.83 -3.67
N LYS A 69 -10.25 -5.78 -2.37
CA LYS A 69 -11.53 -6.24 -1.87
C LYS A 69 -12.08 -5.38 -0.71
N CYS A 70 -13.36 -5.10 -0.77
CA CYS A 70 -14.02 -4.30 0.27
C CYS A 70 -14.70 -5.27 1.22
N ASP A 71 -14.49 -5.10 2.52
CA ASP A 71 -15.15 -5.98 3.49
C ASP A 71 -15.99 -5.09 4.40
N LYS A 72 -17.02 -4.50 3.81
CA LYS A 72 -17.92 -3.60 4.50
C LYS A 72 -18.31 -4.09 5.88
N GLU A 73 -18.59 -5.39 5.99
CA GLU A 73 -18.99 -5.97 7.25
C GLU A 73 -17.91 -5.86 8.32
N LYS A 74 -16.66 -5.75 7.92
CA LYS A 74 -15.57 -5.65 8.87
C LYS A 74 -14.94 -4.26 8.84
N ASN A 75 -15.49 -3.40 7.98
CA ASN A 75 -15.00 -2.03 7.84
C ASN A 75 -13.53 -2.03 7.40
N LEU A 76 -13.18 -2.94 6.51
CA LEU A 76 -11.80 -3.04 6.04
C LEU A 76 -11.70 -2.97 4.54
N LEU A 77 -10.63 -2.34 4.07
CA LEU A 77 -10.34 -2.24 2.64
C LEU A 77 -8.98 -2.93 2.51
N HIS A 78 -8.83 -3.84 1.54
CA HIS A 78 -7.57 -4.57 1.33
C HIS A 78 -7.03 -4.38 -0.08
N VAL A 79 -5.74 -4.06 -0.18
CA VAL A 79 -5.05 -3.89 -1.46
C VAL A 79 -3.85 -4.86 -1.44
N THR A 80 -3.99 -5.96 -2.18
CA THR A 80 -3.00 -7.01 -2.24
C THR A 80 -2.29 -7.13 -3.60
N ASP A 81 -0.97 -7.28 -3.56
CA ASP A 81 -0.19 -7.42 -4.77
C ASP A 81 0.67 -8.66 -4.62
N THR A 82 1.03 -9.29 -5.74
CA THR A 82 1.91 -10.45 -5.72
C THR A 82 3.30 -9.95 -6.15
N GLY A 83 3.64 -8.76 -5.65
CA GLY A 83 4.93 -8.15 -5.96
C GLY A 83 6.06 -8.81 -5.18
N VAL A 84 7.21 -8.13 -5.11
CA VAL A 84 8.40 -8.64 -4.44
C VAL A 84 8.26 -8.86 -2.94
N GLY A 85 7.38 -8.09 -2.29
CA GLY A 85 7.19 -8.24 -0.86
C GLY A 85 8.30 -7.56 -0.08
N MET A 86 8.21 -7.66 1.25
CA MET A 86 9.19 -7.07 2.17
C MET A 86 9.53 -8.03 3.30
N THR A 87 10.81 -8.11 3.63
CA THR A 87 11.25 -8.96 4.72
C THR A 87 10.92 -8.19 5.99
N ARG A 88 11.06 -8.83 7.15
CA ARG A 88 10.80 -8.14 8.41
C ARG A 88 11.61 -6.86 8.51
N GLU A 89 12.90 -6.94 8.19
CA GLU A 89 13.76 -5.75 8.27
C GLU A 89 13.30 -4.62 7.34
N GLU A 90 12.85 -4.97 6.15
CA GLU A 90 12.37 -3.96 5.20
C GLU A 90 11.07 -3.30 5.65
N LEU A 91 10.25 -4.05 6.39
CA LEU A 91 9.01 -3.53 6.92
C LEU A 91 9.35 -2.44 7.92
N VAL A 92 10.28 -2.77 8.82
CA VAL A 92 10.72 -1.83 9.85
C VAL A 92 11.43 -0.63 9.24
N LYS A 93 12.33 -0.90 8.30
CA LYS A 93 13.08 0.19 7.70
C LYS A 93 12.36 1.06 6.66
N ASN A 94 11.71 0.41 5.69
CA ASN A 94 11.01 1.12 4.63
C ASN A 94 9.79 1.89 5.06
N LEU A 95 9.08 1.38 6.07
CA LEU A 95 7.88 2.04 6.56
C LEU A 95 8.16 2.94 7.77
N GLY A 96 9.18 2.59 8.54
CA GLY A 96 9.49 3.36 9.74
C GLY A 96 10.59 4.39 9.68
N THR A 97 11.32 4.45 8.59
CA THR A 97 12.41 5.41 8.47
C THR A 97 12.49 5.93 7.05
N ILE A 98 13.37 6.92 6.86
CA ILE A 98 13.61 7.56 5.57
C ILE A 98 14.87 7.01 4.87
N ALA A 99 15.40 5.89 5.37
CA ALA A 99 16.61 5.28 4.82
C ALA A 99 16.64 5.05 3.29
N LYS A 100 15.52 4.66 2.70
CA LYS A 100 15.44 4.44 1.24
C LYS A 100 16.03 5.64 0.49
N SER A 101 17.14 5.40 -0.19
CA SER A 101 17.90 6.39 -0.94
C SER A 101 17.36 7.81 -1.12
N GLY A 102 16.45 7.98 -2.07
CA GLY A 102 15.90 9.30 -2.35
C GLY A 102 14.74 9.81 -1.51
N THR A 103 14.43 9.16 -0.40
CA THR A 103 13.32 9.61 0.44
C THR A 103 13.65 10.97 1.05
N SER A 104 14.92 11.17 1.41
CA SER A 104 15.35 12.44 1.98
C SER A 104 15.18 13.57 0.96
N GLU A 105 15.42 13.26 -0.31
CA GLU A 105 15.29 14.24 -1.39
C GLU A 105 13.83 14.69 -1.45
N PHE A 106 12.91 13.75 -1.31
CA PHE A 106 11.50 14.08 -1.33
C PHE A 106 11.14 14.99 -0.15
N LEU A 107 11.67 14.67 1.02
CA LEU A 107 11.36 15.49 2.20
C LEU A 107 11.79 16.95 1.97
N ASN A 108 12.89 17.14 1.26
CA ASN A 108 13.38 18.49 0.99
C ASN A 108 12.55 19.22 -0.08
N LYS A 109 12.36 18.56 -1.22
CA LYS A 109 11.59 19.16 -2.31
C LYS A 109 10.14 19.40 -1.91
N MET A 110 9.54 18.41 -1.26
CA MET A 110 8.16 18.49 -0.80
C MET A 110 7.98 19.63 0.19
N THR A 111 9.05 19.95 0.91
CA THR A 111 8.99 21.03 1.89
C THR A 111 9.07 22.38 1.19
N GLU A 112 9.98 22.50 0.23
CA GLU A 112 10.10 23.75 -0.51
C GLU A 112 8.83 23.98 -1.31
N ALA A 113 8.51 23.02 -2.18
CA ALA A 113 7.33 23.10 -3.02
C ALA A 113 6.16 23.62 -2.20
N GLN A 114 5.85 22.93 -1.11
CA GLN A 114 4.73 23.30 -0.25
C GLN A 114 4.84 24.74 0.25
N GLU A 115 6.06 25.22 0.36
CA GLU A 115 6.31 26.59 0.81
C GLU A 115 6.03 27.62 -0.27
N ASP A 116 6.52 27.35 -1.49
CA ASP A 116 6.36 28.26 -2.61
C ASP A 116 5.12 28.00 -3.48
N GLY A 117 4.10 27.39 -2.90
CA GLY A 117 2.87 27.13 -3.62
C GLY A 117 2.94 26.26 -4.87
N GLN A 118 4.00 25.46 -4.99
CA GLN A 118 4.14 24.56 -6.14
C GLN A 118 3.43 23.24 -5.87
N SER A 119 2.97 22.57 -6.93
CA SER A 119 2.26 21.32 -6.75
C SER A 119 3.14 20.24 -6.12
N THR A 120 2.56 19.51 -5.17
CA THR A 120 3.27 18.46 -4.45
C THR A 120 2.64 17.10 -4.69
N SER A 121 1.47 17.09 -5.32
CA SER A 121 0.77 15.84 -5.62
C SER A 121 1.65 14.90 -6.43
N GLU A 122 2.34 15.47 -7.42
CA GLU A 122 3.21 14.71 -8.29
C GLU A 122 4.47 14.26 -7.56
N LEU A 123 5.01 15.11 -6.70
CA LEU A 123 6.19 14.73 -5.94
C LEU A 123 5.96 13.39 -5.22
N ILE A 124 4.88 13.34 -4.45
CA ILE A 124 4.51 12.12 -3.72
C ILE A 124 4.56 10.88 -4.61
N GLY A 125 3.85 10.94 -5.72
CA GLY A 125 3.85 9.79 -6.62
C GLY A 125 5.24 9.56 -7.19
N GLN A 126 5.94 10.66 -7.46
CA GLN A 126 7.29 10.59 -8.01
C GLN A 126 8.26 9.81 -7.15
N PHE A 127 8.30 10.12 -5.86
CA PHE A 127 9.21 9.45 -4.95
C PHE A 127 8.63 8.20 -4.26
N GLY A 128 7.45 7.81 -4.71
CA GLY A 128 6.76 6.63 -4.19
C GLY A 128 6.52 6.55 -2.69
N VAL A 129 6.33 7.70 -2.04
CA VAL A 129 6.11 7.76 -0.59
C VAL A 129 4.64 7.99 -0.25
N GLY A 130 3.76 7.60 -1.18
CA GLY A 130 2.34 7.78 -1.00
C GLY A 130 1.66 6.88 0.01
N PHE A 131 2.38 5.89 0.52
CA PHE A 131 1.83 4.96 1.50
C PHE A 131 1.17 5.66 2.67
N TYR A 132 1.80 6.70 3.19
CA TYR A 132 1.26 7.39 4.36
C TYR A 132 -0.06 8.14 4.10
N SER A 133 -0.42 8.35 2.83
CA SER A 133 -1.70 9.05 2.57
C SER A 133 -2.86 8.15 3.01
N ALA A 134 -2.56 6.89 3.31
CA ALA A 134 -3.60 5.98 3.79
C ALA A 134 -4.21 6.51 5.08
N PHE A 135 -3.41 7.22 5.88
CA PHE A 135 -3.90 7.75 7.14
C PHE A 135 -4.96 8.85 6.99
N LEU A 136 -5.20 9.28 5.76
CA LEU A 136 -6.24 10.27 5.50
C LEU A 136 -7.61 9.61 5.69
N VAL A 137 -7.71 8.33 5.31
CA VAL A 137 -8.97 7.60 5.39
C VAL A 137 -8.97 6.43 6.38
N ALA A 138 -7.84 6.18 7.02
CA ALA A 138 -7.75 5.05 7.93
C ALA A 138 -7.26 5.42 9.31
N ASP A 139 -7.87 4.79 10.31
CA ASP A 139 -7.47 5.00 11.69
C ASP A 139 -6.35 4.01 11.98
N LYS A 140 -6.31 2.94 11.20
CA LYS A 140 -5.29 1.91 11.37
C LYS A 140 -4.89 1.33 10.01
N VAL A 141 -3.59 1.18 9.80
CA VAL A 141 -3.06 0.62 8.57
C VAL A 141 -2.30 -0.65 8.94
N ILE A 142 -2.61 -1.75 8.27
CA ILE A 142 -1.93 -3.00 8.54
C ILE A 142 -1.29 -3.51 7.24
N VAL A 143 -0.01 -3.82 7.29
CA VAL A 143 0.71 -4.30 6.12
C VAL A 143 1.19 -5.73 6.37
N THR A 144 0.62 -6.69 5.64
CA THR A 144 1.02 -8.09 5.75
C THR A 144 1.89 -8.32 4.51
N SER A 145 3.07 -8.88 4.72
CA SER A 145 4.00 -9.07 3.62
C SER A 145 4.84 -10.33 3.68
N LYS A 146 5.07 -10.91 2.51
CA LYS A 146 5.88 -12.13 2.33
C LYS A 146 6.89 -11.91 1.19
N HIS A 147 8.17 -11.94 1.56
CA HIS A 147 9.29 -11.78 0.62
C HIS A 147 10.01 -13.13 0.50
N ASN A 148 10.39 -13.50 -0.72
CA ASN A 148 11.07 -14.78 -0.93
C ASN A 148 12.18 -15.09 0.08
N ASN A 149 12.84 -14.07 0.61
CA ASN A 149 13.93 -14.35 1.56
C ASN A 149 13.57 -14.32 3.03
N ASP A 150 12.29 -14.27 3.35
CA ASP A 150 11.90 -14.22 4.74
C ASP A 150 10.53 -14.87 4.88
N THR A 151 10.08 -15.01 6.13
CA THR A 151 8.77 -15.59 6.39
C THR A 151 7.75 -14.44 6.44
N GLN A 152 6.46 -14.76 6.43
CA GLN A 152 5.43 -13.72 6.44
C GLN A 152 5.26 -12.94 7.75
N HIS A 153 5.34 -11.61 7.65
CA HIS A 153 5.18 -10.74 8.80
C HIS A 153 4.01 -9.74 8.66
N ILE A 154 3.64 -9.14 9.78
CA ILE A 154 2.59 -8.14 9.82
C ILE A 154 3.11 -6.89 10.53
N TRP A 155 2.91 -5.74 9.89
CA TRP A 155 3.30 -4.42 10.40
C TRP A 155 1.94 -3.75 10.67
N GLU A 156 1.81 -3.01 11.76
CA GLU A 156 0.54 -2.36 12.05
C GLU A 156 0.81 -1.03 12.75
N SER A 157 0.03 0.00 12.41
CA SER A 157 0.22 1.32 12.99
C SER A 157 -1.02 2.21 12.97
N ASP A 158 -1.16 3.07 13.97
CA ASP A 158 -2.27 4.02 14.04
C ASP A 158 -1.63 5.42 13.83
N SER A 159 -0.38 5.39 13.39
CA SER A 159 0.46 6.57 13.11
C SER A 159 1.19 7.10 14.34
N ASN A 160 0.81 6.65 15.53
CA ASN A 160 1.48 7.10 16.76
C ASN A 160 2.67 6.21 17.20
N GLU A 161 2.83 5.10 16.49
CA GLU A 161 3.92 4.12 16.68
C GLU A 161 3.57 2.93 15.76
N PHE A 162 4.40 1.89 15.75
CA PHE A 162 4.10 0.73 14.93
C PHE A 162 4.71 -0.54 15.50
N SER A 163 4.10 -1.67 15.16
CA SER A 163 4.54 -3.00 15.60
C SER A 163 4.74 -3.93 14.44
N VAL A 164 5.57 -4.95 14.65
CA VAL A 164 5.84 -5.98 13.65
C VAL A 164 5.91 -7.29 14.40
N ILE A 165 5.24 -8.30 13.85
CA ILE A 165 5.23 -9.63 14.44
C ILE A 165 5.21 -10.62 13.30
N ALA A 166 5.77 -11.80 13.53
CA ALA A 166 5.76 -12.83 12.51
C ALA A 166 4.30 -13.13 12.39
N ASP A 167 3.84 -13.49 11.21
CA ASP A 167 2.43 -13.80 11.01
C ASP A 167 2.12 -15.21 11.49
N PRO A 168 1.37 -15.35 12.59
CA PRO A 168 1.03 -16.69 13.12
C PRO A 168 0.25 -17.56 12.11
N ARG A 169 -0.35 -16.92 11.12
CA ARG A 169 -1.11 -17.64 10.09
C ARG A 169 -0.19 -18.33 9.08
N GLY A 170 1.12 -18.26 9.29
CA GLY A 170 2.04 -18.89 8.37
C GLY A 170 2.25 -18.06 7.13
N ASN A 171 2.45 -18.73 5.99
CA ASN A 171 2.66 -18.04 4.73
C ASN A 171 1.44 -18.22 3.83
N THR A 172 0.52 -17.27 3.88
CA THR A 172 -0.71 -17.35 3.11
C THR A 172 -0.68 -16.52 1.85
N LEU A 173 0.27 -15.59 1.78
CA LEU A 173 0.37 -14.72 0.61
C LEU A 173 1.11 -15.38 -0.54
N GLY A 174 2.04 -16.27 -0.21
CA GLY A 174 2.83 -16.91 -1.25
C GLY A 174 4.05 -16.02 -1.43
N ARG A 175 3.78 -14.80 -1.91
CA ARG A 175 4.77 -13.76 -2.12
C ARG A 175 3.95 -12.51 -2.40
N GLY A 176 4.32 -11.38 -1.79
CA GLY A 176 3.54 -10.19 -2.05
C GLY A 176 3.15 -9.41 -0.82
N THR A 177 2.24 -8.46 -0.99
CA THR A 177 1.85 -7.62 0.12
C THR A 177 0.39 -7.25 0.13
N THR A 178 -0.15 -7.16 1.34
CA THR A 178 -1.53 -6.75 1.53
C THR A 178 -1.56 -5.52 2.41
N ILE A 179 -2.13 -4.44 1.90
CA ILE A 179 -2.26 -3.23 2.69
C ILE A 179 -3.72 -3.30 3.14
N THR A 180 -3.93 -3.35 4.45
CA THR A 180 -5.27 -3.40 4.99
C THR A 180 -5.57 -2.13 5.76
N LEU A 181 -6.66 -1.47 5.39
CA LEU A 181 -7.07 -0.22 6.02
C LEU A 181 -8.31 -0.37 6.89
N VAL A 182 -8.21 0.05 8.14
CA VAL A 182 -9.34 0.02 9.05
C VAL A 182 -9.88 1.45 8.92
N LEU A 183 -10.84 1.61 8.01
CA LEU A 183 -11.44 2.91 7.69
C LEU A 183 -12.13 3.70 8.78
N LYS A 184 -11.92 5.00 8.74
CA LYS A 184 -12.54 5.95 9.67
C LYS A 184 -14.03 5.94 9.36
N GLU A 185 -14.84 6.44 10.30
CA GLU A 185 -16.27 6.49 10.07
C GLU A 185 -16.51 7.36 8.84
N GLU A 186 -15.92 8.55 8.85
CA GLU A 186 -16.06 9.50 7.75
C GLU A 186 -15.69 8.94 6.38
N ALA A 187 -15.10 7.74 6.36
CA ALA A 187 -14.68 7.15 5.09
C ALA A 187 -15.37 5.85 4.72
N SER A 188 -16.46 5.54 5.41
CA SER A 188 -17.23 4.32 5.14
C SER A 188 -17.54 4.17 3.65
N ASP A 189 -17.60 5.30 2.96
CA ASP A 189 -17.88 5.33 1.54
C ASP A 189 -16.96 4.38 0.76
N TYR A 190 -15.68 4.36 1.13
CA TYR A 190 -14.73 3.50 0.46
C TYR A 190 -14.97 2.03 0.71
N LEU A 191 -16.05 1.71 1.42
CA LEU A 191 -16.38 0.31 1.69
C LEU A 191 -17.31 -0.18 0.60
N GLU A 192 -17.91 0.76 -0.13
CA GLU A 192 -18.86 0.48 -1.20
C GLU A 192 -18.21 0.09 -2.54
N LEU A 193 -18.48 -1.13 -2.99
CA LEU A 193 -17.93 -1.66 -4.24
C LEU A 193 -17.97 -0.67 -5.40
N ASP A 194 -19.15 -0.12 -5.67
CA ASP A 194 -19.31 0.82 -6.77
C ASP A 194 -18.27 1.96 -6.68
N THR A 195 -18.08 2.50 -5.48
CA THR A 195 -17.14 3.60 -5.28
C THR A 195 -15.70 3.22 -5.59
N ILE A 196 -15.23 2.17 -4.92
CA ILE A 196 -13.87 1.68 -5.08
C ILE A 196 -13.62 1.23 -6.51
N LYS A 197 -14.56 0.48 -7.07
CA LYS A 197 -14.43 -0.01 -8.44
C LYS A 197 -14.19 1.17 -9.36
N ASN A 198 -14.97 2.23 -9.20
CA ASN A 198 -14.81 3.43 -10.02
C ASN A 198 -13.43 4.04 -9.88
N LEU A 199 -12.94 4.10 -8.63
CA LEU A 199 -11.63 4.65 -8.34
C LEU A 199 -10.52 3.79 -8.93
N VAL A 200 -10.64 2.48 -8.74
CA VAL A 200 -9.64 1.56 -9.25
C VAL A 200 -9.46 1.71 -10.75
N LYS A 201 -10.51 2.09 -11.46
CA LYS A 201 -10.40 2.25 -12.91
C LYS A 201 -9.81 3.60 -13.25
N LYS A 202 -10.23 4.64 -12.54
CA LYS A 202 -9.73 5.98 -12.80
C LYS A 202 -8.28 6.13 -12.36
N TYR A 203 -7.71 5.11 -11.73
CA TYR A 203 -6.31 5.17 -11.26
C TYR A 203 -5.46 3.95 -11.63
N SER A 204 -5.92 3.14 -12.56
CA SER A 204 -5.16 1.94 -12.92
C SER A 204 -4.98 1.75 -14.42
N GLN A 205 -5.64 2.57 -15.21
CA GLN A 205 -5.55 2.45 -16.66
C GLN A 205 -4.09 2.58 -17.17
N PHE A 206 -3.19 3.03 -16.31
CA PHE A 206 -1.80 3.21 -16.70
C PHE A 206 -0.86 2.19 -16.04
N ILE A 207 -1.42 1.19 -15.37
CA ILE A 207 -0.61 0.16 -14.71
C ILE A 207 -0.44 -1.02 -15.66
N ASN A 208 0.82 -1.45 -15.83
CA ASN A 208 1.13 -2.55 -16.72
C ASN A 208 0.89 -3.93 -16.09
N PHE A 209 -0.06 -4.00 -15.17
CA PHE A 209 -0.40 -5.28 -14.51
C PHE A 209 -1.92 -5.33 -14.37
N PRO A 210 -2.49 -6.54 -14.38
CA PRO A 210 -3.94 -6.65 -14.23
C PRO A 210 -4.38 -6.30 -12.81
N ILE A 211 -5.46 -5.54 -12.70
CA ILE A 211 -6.00 -5.12 -11.40
C ILE A 211 -7.44 -5.61 -11.23
N TYR A 212 -7.65 -6.42 -10.20
CA TYR A 212 -8.96 -6.99 -9.92
C TYR A 212 -9.61 -6.48 -8.63
N VAL A 213 -10.95 -6.41 -8.64
CA VAL A 213 -11.75 -6.00 -7.48
C VAL A 213 -12.77 -7.12 -7.25
N TRP A 214 -12.86 -7.61 -6.02
CA TRP A 214 -13.78 -8.68 -5.67
C TRP A 214 -15.21 -8.14 -5.63
N SER A 215 -15.91 -8.24 -6.76
CA SER A 215 -17.27 -7.75 -6.88
C SER A 215 -18.35 -8.81 -7.07
N SER A 216 -19.60 -8.40 -6.87
CA SER A 216 -20.74 -9.30 -6.99
C SER A 216 -21.80 -8.78 -7.95
N LYS A 217 -22.66 -9.69 -8.42
CA LYS A 217 -23.73 -9.35 -9.35
C LYS A 217 -25.08 -9.18 -8.64
N THR A 218 -25.72 -10.31 -8.31
CA THR A 218 -27.01 -10.30 -7.64
C THR A 218 -28.10 -9.74 -8.53
N LYS A 260 -29.78 -14.71 -5.89
CA LYS A 260 -28.58 -15.40 -6.37
C LYS A 260 -27.40 -14.41 -6.41
N THR A 261 -26.34 -14.72 -5.68
CA THR A 261 -25.16 -13.85 -5.64
C THR A 261 -23.89 -14.50 -6.16
N VAL A 262 -23.32 -13.87 -7.19
CA VAL A 262 -22.08 -14.35 -7.81
C VAL A 262 -20.91 -13.47 -7.43
N TRP A 263 -19.90 -14.06 -6.80
CA TRP A 263 -18.70 -13.33 -6.38
C TRP A 263 -17.47 -13.79 -7.15
N ASP A 264 -16.76 -12.83 -7.74
CA ASP A 264 -15.54 -13.14 -8.48
C ASP A 264 -14.73 -11.89 -8.81
N TRP A 265 -13.47 -12.10 -9.15
CA TRP A 265 -12.58 -11.01 -9.50
C TRP A 265 -13.03 -10.36 -10.80
N GLU A 266 -13.32 -9.07 -10.74
CA GLU A 266 -13.72 -8.33 -11.91
C GLU A 266 -12.49 -7.55 -12.34
N LEU A 267 -12.08 -7.70 -13.58
CA LEU A 267 -10.91 -7.02 -14.10
C LEU A 267 -11.22 -5.58 -14.45
N MET A 268 -10.46 -4.65 -13.87
CA MET A 268 -10.62 -3.23 -14.14
C MET A 268 -9.46 -2.89 -15.07
N ASN A 269 -8.52 -3.83 -15.13
CA ASN A 269 -7.32 -3.76 -15.94
C ASN A 269 -6.22 -2.83 -15.44
#